data_3C6H
#
_entry.id   3C6H
#
_cell.length_a   96.436
_cell.length_b   126.724
_cell.length_c   52.391
_cell.angle_alpha   90.000
_cell.angle_beta   106.030
_cell.angle_gamma   90.000
#
_symmetry.space_group_name_H-M   'C 1 2 1'
#
loop_
_entity.id
_entity.type
_entity.pdbx_description
1 polymer 'Terminase large subunit'
2 non-polymer 'MAGNESIUM ION'
3 water water
#
_entity_poly.entity_id   1
_entity_poly.type   'polypeptide(L)'
_entity_poly.pdbx_seq_one_letter_code
;MGSSHHHHHHSSGLVPRGSHMLEDPMGTLIRATTLSRLSFIDVVNDNGFYQFEKPKEGRKYVATLDCSEGRGQDYHALQI
IDITEFPYKQVAVYHSNTTSHFILPDIVFKYLMMYNECPVYIELNSTGVSIAKSLAMDLEYDNIICDSFIDLGMKQSKRS
KAMGCSALKDLIEKDKLIINHKGTIQELRTFSEKGVSWAAEEGFHDDLVMSLVIFGWLTTQEKFAEYAGKDE
;
_entity_poly.pdbx_strand_id   A,B
#
loop_
_chem_comp.id
_chem_comp.type
_chem_comp.name
_chem_comp.formula
MG non-polymer 'MAGNESIUM ION' 'Mg 2'
#
# COMPACT_ATOMS: atom_id res chain seq x y z
N LEU A 35 -7.41 -14.78 12.94
CA LEU A 35 -8.18 -13.83 12.05
C LEU A 35 -7.79 -12.40 12.37
N SER A 36 -8.75 -11.69 13.00
CA SER A 36 -8.70 -10.27 13.44
C SER A 36 -7.39 -9.55 13.78
N ARG A 37 -6.29 -10.00 13.20
CA ARG A 37 -5.05 -9.30 13.37
C ARG A 37 -4.87 -8.86 11.90
N LEU A 38 -5.94 -9.10 11.13
CA LEU A 38 -5.97 -8.73 9.73
C LEU A 38 -6.51 -7.31 9.52
N SER A 39 -5.72 -6.49 8.83
CA SER A 39 -6.13 -5.14 8.50
C SER A 39 -6.12 -5.02 6.96
N PHE A 40 -6.73 -3.97 6.44
CA PHE A 40 -6.75 -3.80 5.00
C PHE A 40 -6.35 -2.39 4.62
N ILE A 41 -5.85 -2.24 3.40
CA ILE A 41 -5.50 -0.92 2.90
C ILE A 41 -6.72 -0.60 2.05
N ASP A 42 -7.35 0.52 2.38
CA ASP A 42 -8.56 0.94 1.70
C ASP A 42 -8.28 1.62 0.37
N VAL A 43 -7.87 0.81 -0.60
CA VAL A 43 -7.57 1.32 -1.92
C VAL A 43 -8.86 1.56 -2.69
N VAL A 44 -8.83 2.53 -3.59
CA VAL A 44 -10.01 2.84 -4.38
C VAL A 44 -10.33 1.73 -5.37
N ASN A 45 -11.62 1.49 -5.57
CA ASN A 45 -12.11 0.49 -6.48
C ASN A 45 -12.00 1.01 -7.90
N ASP A 46 -10.84 0.85 -8.53
CA ASP A 46 -10.62 1.34 -9.89
C ASP A 46 -11.39 0.55 -10.94
N ASN A 47 -12.71 0.65 -10.91
CA ASN A 47 -13.53 -0.05 -11.91
C ASN A 47 -13.41 -1.57 -11.79
N GLY A 48 -13.55 -2.06 -10.55
CA GLY A 48 -13.46 -3.48 -10.29
C GLY A 48 -12.09 -3.98 -9.86
N PHE A 49 -11.05 -3.30 -10.31
CA PHE A 49 -9.66 -3.64 -10.03
C PHE A 49 -9.02 -2.96 -8.81
N TYR A 50 -8.60 -3.75 -7.84
CA TYR A 50 -7.96 -3.21 -6.62
C TYR A 50 -6.47 -3.47 -6.66
N GLN A 51 -5.66 -2.42 -6.55
CA GLN A 51 -4.21 -2.59 -6.59
C GLN A 51 -3.46 -2.11 -5.34
N PHE A 52 -2.74 -3.03 -4.70
CA PHE A 52 -1.98 -2.76 -3.47
C PHE A 52 -0.49 -2.58 -3.69
N GLU A 53 0.02 -3.12 -4.80
CA GLU A 53 1.43 -2.99 -5.19
C GLU A 53 1.46 -3.11 -6.70
N LYS A 54 2.23 -2.25 -7.35
CA LYS A 54 2.33 -2.33 -8.80
C LYS A 54 3.45 -3.33 -9.09
N PRO A 55 3.56 -3.83 -10.33
CA PRO A 55 4.60 -4.79 -10.69
C PRO A 55 6.06 -4.34 -10.61
N LYS A 56 6.87 -5.16 -9.95
CA LYS A 56 8.30 -4.92 -9.75
C LYS A 56 9.06 -6.05 -10.45
N GLU A 57 9.84 -5.71 -11.46
CA GLU A 57 10.63 -6.70 -12.19
C GLU A 57 11.41 -7.55 -11.18
N GLY A 58 11.59 -8.83 -11.50
CA GLY A 58 12.31 -9.69 -10.59
C GLY A 58 11.42 -10.47 -9.66
N ARG A 59 10.20 -9.99 -9.44
CA ARG A 59 9.26 -10.69 -8.56
C ARG A 59 8.36 -11.58 -9.44
N LYS A 60 8.13 -12.80 -8.97
CA LYS A 60 7.30 -13.75 -9.69
C LYS A 60 5.92 -13.88 -9.04
N TYR A 61 4.88 -13.53 -9.80
CA TYR A 61 3.50 -13.57 -9.33
C TYR A 61 2.77 -14.82 -9.77
N VAL A 62 1.54 -14.96 -9.29
CA VAL A 62 0.67 -16.08 -9.66
C VAL A 62 -0.75 -15.54 -9.46
N ALA A 63 -1.65 -15.92 -10.36
CA ALA A 63 -3.03 -15.47 -10.33
C ALA A 63 -3.98 -16.64 -10.37
N THR A 64 -5.05 -16.55 -9.58
CA THR A 64 -6.06 -17.59 -9.54
C THR A 64 -7.40 -16.91 -9.79
N LEU A 65 -8.33 -17.61 -10.45
CA LEU A 65 -9.62 -17.03 -10.78
C LEU A 65 -10.84 -17.90 -10.49
N ASP A 66 -11.84 -17.30 -9.87
CA ASP A 66 -13.11 -17.97 -9.58
C ASP A 66 -14.15 -17.11 -10.29
N CYS A 67 -14.78 -17.66 -11.33
CA CYS A 67 -15.76 -16.92 -12.13
C CYS A 67 -17.25 -17.01 -11.75
N SER A 68 -18.02 -16.26 -12.51
CA SER A 68 -19.48 -16.13 -12.44
C SER A 68 -20.20 -17.35 -11.88
N ASP A 74 -22.84 -13.92 -6.44
CA ASP A 74 -21.49 -14.30 -6.85
C ASP A 74 -20.83 -13.30 -7.80
N TYR A 75 -19.55 -13.04 -7.51
CA TYR A 75 -18.69 -12.14 -8.28
C TYR A 75 -17.55 -12.92 -8.91
N HIS A 76 -16.89 -12.29 -9.88
CA HIS A 76 -15.71 -12.86 -10.51
C HIS A 76 -14.63 -12.36 -9.55
N ALA A 77 -13.69 -13.21 -9.18
CA ALA A 77 -12.63 -12.78 -8.26
C ALA A 77 -11.25 -13.15 -8.76
N LEU A 78 -10.46 -12.16 -9.17
CA LEU A 78 -9.11 -12.43 -9.63
C LEU A 78 -8.09 -12.06 -8.58
N GLN A 79 -7.44 -13.07 -8.01
CA GLN A 79 -6.42 -12.85 -6.99
C GLN A 79 -5.04 -12.92 -7.64
N ILE A 80 -4.26 -11.86 -7.47
CA ILE A 80 -2.90 -11.83 -7.96
C ILE A 80 -2.01 -11.79 -6.71
N ILE A 81 -1.23 -12.86 -6.52
CA ILE A 81 -0.35 -12.98 -5.36
C ILE A 81 1.13 -12.93 -5.74
N ASP A 82 1.96 -12.53 -4.79
CA ASP A 82 3.40 -12.48 -5.02
C ASP A 82 3.95 -13.69 -4.25
N ILE A 83 4.45 -14.66 -5.00
CA ILE A 83 4.95 -15.89 -4.41
C ILE A 83 6.46 -15.96 -4.18
N THR A 84 7.13 -14.84 -4.45
CA THR A 84 8.58 -14.73 -4.27
C THR A 84 9.08 -15.07 -2.83
N GLU A 85 9.52 -14.06 -2.10
CA GLU A 85 9.90 -14.24 -0.71
C GLU A 85 8.79 -14.93 0.09
N PHE A 86 9.12 -16.05 0.72
CA PHE A 86 8.13 -16.86 1.41
C PHE A 86 7.38 -16.05 2.46
N PRO A 87 7.54 -14.74 2.41
CA PRO A 87 6.43 -13.81 2.66
C PRO A 87 5.64 -13.52 1.38
N TYR A 88 4.46 -14.13 1.26
CA TYR A 88 3.59 -13.90 0.12
C TYR A 88 2.79 -12.62 0.28
N LYS A 89 2.46 -11.97 -0.83
CA LYS A 89 1.73 -10.72 -0.80
C LYS A 89 0.62 -10.71 -1.85
N GLN A 90 -0.58 -10.30 -1.43
CA GLN A 90 -1.70 -10.13 -2.36
C GLN A 90 -1.53 -8.71 -2.85
N VAL A 91 -1.11 -8.54 -4.10
CA VAL A 91 -0.87 -7.20 -4.64
C VAL A 91 -2.01 -6.56 -5.43
N ALA A 92 -2.89 -7.38 -5.99
CA ALA A 92 -4.01 -6.87 -6.77
C ALA A 92 -5.18 -7.82 -6.69
N VAL A 93 -6.38 -7.29 -6.85
CA VAL A 93 -7.59 -8.11 -6.81
C VAL A 93 -8.56 -7.57 -7.84
N TYR A 94 -9.21 -8.45 -8.58
CA TYR A 94 -10.24 -8.00 -9.52
C TYR A 94 -11.53 -8.59 -8.97
N HIS A 95 -12.49 -7.71 -8.67
CA HIS A 95 -13.75 -8.11 -8.06
C HIS A 95 -14.92 -7.45 -8.77
N SER A 96 -15.90 -8.23 -9.17
CA SER A 96 -17.05 -7.70 -9.88
C SER A 96 -18.16 -8.73 -10.10
N ASN A 97 -19.40 -8.29 -10.02
CA ASN A 97 -20.55 -9.17 -10.26
C ASN A 97 -21.35 -8.54 -11.37
N THR A 98 -20.67 -7.80 -12.23
CA THR A 98 -21.34 -7.10 -13.31
C THR A 98 -20.64 -7.20 -14.66
N THR A 99 -19.55 -7.94 -14.74
CA THR A 99 -18.89 -8.04 -16.04
C THR A 99 -19.39 -9.29 -16.73
N SER A 100 -19.59 -9.20 -18.04
CA SER A 100 -20.06 -10.35 -18.82
C SER A 100 -18.91 -11.32 -19.01
N HIS A 101 -19.12 -12.58 -18.64
CA HIS A 101 -18.05 -13.55 -18.79
C HIS A 101 -17.52 -13.50 -20.23
N PHE A 102 -18.27 -12.85 -21.11
CA PHE A 102 -17.85 -12.73 -22.50
C PHE A 102 -16.61 -11.85 -22.62
N ILE A 103 -16.60 -10.75 -21.87
CA ILE A 103 -15.50 -9.79 -21.92
C ILE A 103 -14.40 -10.01 -20.86
N LEU A 104 -14.69 -10.82 -19.84
CA LEU A 104 -13.75 -11.11 -18.76
C LEU A 104 -12.30 -11.49 -19.17
N PRO A 105 -12.13 -12.39 -20.15
CA PRO A 105 -10.79 -12.79 -20.60
C PRO A 105 -9.91 -11.60 -20.94
N ASP A 106 -10.54 -10.55 -21.46
CA ASP A 106 -9.84 -9.33 -21.84
C ASP A 106 -9.36 -8.65 -20.56
N ILE A 107 -10.26 -8.57 -19.58
CA ILE A 107 -9.97 -7.99 -18.28
C ILE A 107 -8.82 -8.77 -17.62
N VAL A 108 -8.97 -10.09 -17.55
CA VAL A 108 -7.93 -10.93 -16.95
C VAL A 108 -6.62 -10.72 -17.69
N PHE A 109 -6.68 -10.85 -19.02
CA PHE A 109 -5.51 -10.69 -19.88
C PHE A 109 -4.74 -9.40 -19.54
N LYS A 110 -5.48 -8.31 -19.43
CA LYS A 110 -4.90 -7.02 -19.11
C LYS A 110 -4.04 -7.08 -17.85
N TYR A 111 -4.62 -7.57 -16.76
CA TYR A 111 -3.90 -7.65 -15.50
C TYR A 111 -2.82 -8.74 -15.45
N LEU A 112 -3.02 -9.82 -16.19
CA LEU A 112 -2.01 -10.86 -16.20
C LEU A 112 -0.77 -10.33 -16.91
N MET A 113 -0.97 -9.66 -18.04
CA MET A 113 0.15 -9.12 -18.79
C MET A 113 0.84 -8.05 -17.94
N MET A 114 0.03 -7.20 -17.31
CA MET A 114 0.52 -6.13 -16.46
C MET A 114 1.51 -6.59 -15.39
N TYR A 115 1.32 -7.81 -14.86
CA TYR A 115 2.19 -8.35 -13.80
C TYR A 115 3.23 -9.38 -14.23
N ASN A 116 4.10 -8.98 -15.17
CA ASN A 116 5.16 -9.84 -15.66
C ASN A 116 4.66 -11.15 -16.25
N GLU A 117 3.94 -11.11 -17.36
CA GLU A 117 3.46 -12.37 -17.98
C GLU A 117 3.13 -13.37 -16.89
N CYS A 118 2.17 -12.99 -16.05
CA CYS A 118 1.72 -13.78 -14.91
C CYS A 118 0.97 -15.07 -15.24
N PRO A 119 1.32 -16.17 -14.57
CA PRO A 119 0.66 -17.48 -14.77
C PRO A 119 -0.75 -17.40 -14.16
N VAL A 120 -1.76 -18.01 -14.77
CA VAL A 120 -3.11 -17.96 -14.20
C VAL A 120 -3.72 -19.34 -13.93
N TYR A 121 -4.29 -19.51 -12.75
CA TYR A 121 -4.90 -20.79 -12.40
C TYR A 121 -6.41 -20.64 -12.21
N ILE A 122 -7.15 -21.06 -13.24
CA ILE A 122 -8.61 -20.94 -13.31
C ILE A 122 -9.39 -22.15 -12.79
N GLU A 123 -10.32 -21.94 -11.86
CA GLU A 123 -11.11 -23.06 -11.36
C GLU A 123 -12.05 -23.39 -12.49
N LEU A 124 -12.24 -24.68 -12.76
CA LEU A 124 -13.07 -25.09 -13.89
C LEU A 124 -14.55 -25.33 -13.63
N ASN A 125 -15.27 -24.27 -13.29
CA ASN A 125 -16.70 -24.42 -13.10
C ASN A 125 -17.28 -24.24 -14.50
N SER A 126 -18.59 -24.38 -14.64
CA SER A 126 -19.24 -24.25 -15.94
C SER A 126 -18.77 -23.05 -16.76
N THR A 127 -18.37 -21.98 -16.07
CA THR A 127 -17.92 -20.77 -16.75
C THR A 127 -16.40 -20.70 -16.92
N GLY A 128 -15.67 -21.18 -15.92
CA GLY A 128 -14.22 -21.17 -16.00
C GLY A 128 -13.73 -21.87 -17.27
N VAL A 129 -14.44 -22.92 -17.65
CA VAL A 129 -14.09 -23.68 -18.85
C VAL A 129 -14.10 -22.77 -20.07
N SER A 130 -15.17 -22.00 -20.25
CA SER A 130 -15.23 -21.10 -21.40
C SER A 130 -14.18 -19.98 -21.30
N ILE A 131 -14.05 -19.40 -20.12
CA ILE A 131 -13.09 -18.32 -19.89
C ILE A 131 -11.69 -18.81 -20.19
N ALA A 132 -11.32 -19.95 -19.61
CA ALA A 132 -10.00 -20.51 -19.82
C ALA A 132 -9.72 -20.79 -21.30
N LYS A 133 -10.75 -21.11 -22.08
CA LYS A 133 -10.54 -21.39 -23.49
C LYS A 133 -10.27 -20.09 -24.26
N SER A 134 -11.07 -19.07 -23.97
CA SER A 134 -10.92 -17.76 -24.62
C SER A 134 -9.52 -17.26 -24.34
N LEU A 135 -9.15 -17.30 -23.07
CA LEU A 135 -7.84 -16.85 -22.64
C LEU A 135 -6.74 -17.54 -23.46
N ALA A 136 -6.99 -18.76 -23.90
CA ALA A 136 -6.00 -19.52 -24.67
C ALA A 136 -6.14 -19.39 -26.22
N MET A 137 -7.35 -19.61 -26.73
CA MET A 137 -7.57 -19.49 -28.16
C MET A 137 -7.62 -18.01 -28.54
N ASP A 138 -8.76 -17.40 -28.27
CA ASP A 138 -9.02 -16.00 -28.56
C ASP A 138 -7.92 -15.00 -28.21
N LEU A 139 -7.47 -14.97 -26.96
CA LEU A 139 -6.41 -14.02 -26.59
C LEU A 139 -5.00 -14.61 -26.68
N GLU A 140 -4.92 -15.84 -27.17
CA GLU A 140 -3.65 -16.52 -27.35
C GLU A 140 -2.66 -16.33 -26.19
N TYR A 141 -3.19 -16.31 -24.97
CA TYR A 141 -2.35 -16.16 -23.78
C TYR A 141 -1.79 -17.55 -23.47
N ASP A 142 -0.47 -17.66 -23.36
CA ASP A 142 0.14 -18.96 -23.12
C ASP A 142 0.52 -19.34 -21.71
N ASN A 143 0.50 -18.40 -20.77
CA ASN A 143 0.84 -18.73 -19.40
C ASN A 143 -0.35 -19.17 -18.56
N ILE A 144 -0.97 -20.27 -18.98
CA ILE A 144 -2.13 -20.82 -18.29
C ILE A 144 -1.69 -22.08 -17.57
N ILE A 145 -2.07 -22.22 -16.29
CA ILE A 145 -1.73 -23.39 -15.52
C ILE A 145 -2.82 -24.43 -15.77
N CYS A 146 -2.42 -25.63 -16.18
CA CYS A 146 -3.37 -26.68 -16.49
C CYS A 146 -3.25 -27.91 -15.63
N ASP A 147 -4.36 -28.61 -15.48
CA ASP A 147 -4.45 -29.83 -14.70
C ASP A 147 -4.14 -31.01 -15.59
N SER A 148 -4.37 -30.80 -16.89
CA SER A 148 -4.15 -31.79 -17.93
C SER A 148 -4.30 -31.03 -19.25
N PHE A 149 -4.04 -31.68 -20.38
CA PHE A 149 -4.16 -31.01 -21.66
C PHE A 149 -5.61 -30.63 -21.96
N ILE A 150 -6.56 -31.37 -21.39
CA ILE A 150 -7.97 -31.08 -21.65
C ILE A 150 -8.58 -30.06 -20.69
N ASP A 151 -8.13 -30.10 -19.44
CA ASP A 151 -8.62 -29.20 -18.41
C ASP A 151 -7.63 -28.06 -18.24
N LEU A 152 -8.01 -26.87 -18.72
CA LEU A 152 -7.16 -25.69 -18.68
C LEU A 152 -7.24 -24.89 -17.38
N GLY A 153 -6.92 -25.54 -16.27
CA GLY A 153 -6.96 -24.92 -14.97
C GLY A 153 -7.20 -25.96 -13.91
N MET A 154 -7.81 -25.57 -12.79
CA MET A 154 -8.10 -26.50 -11.70
C MET A 154 -9.42 -27.23 -11.91
N LYS A 155 -9.36 -28.53 -12.13
CA LYS A 155 -10.57 -29.32 -12.34
C LYS A 155 -11.33 -29.48 -11.02
N GLN A 156 -12.63 -29.21 -11.04
CA GLN A 156 -13.45 -29.31 -9.84
C GLN A 156 -13.52 -30.70 -9.23
N SER A 157 -13.48 -30.73 -7.91
CA SER A 157 -13.53 -31.95 -7.14
C SER A 157 -13.73 -31.60 -5.68
N LYS A 158 -14.55 -32.38 -4.97
CA LYS A 158 -14.79 -32.13 -3.56
C LYS A 158 -13.41 -32.17 -2.88
N ARG A 159 -12.58 -33.10 -3.36
CA ARG A 159 -11.25 -33.33 -2.84
C ARG A 159 -10.36 -32.11 -2.84
N SER A 160 -10.26 -31.45 -3.99
CA SER A 160 -9.42 -30.26 -4.17
C SER A 160 -9.85 -29.04 -3.33
N LYS A 161 -11.14 -28.76 -3.34
CA LYS A 161 -11.68 -27.65 -2.57
C LYS A 161 -11.25 -27.84 -1.12
N ALA A 162 -11.69 -28.96 -0.55
CA ALA A 162 -11.35 -29.30 0.82
C ALA A 162 -9.85 -29.14 0.99
N MET A 163 -9.07 -30.04 0.41
CA MET A 163 -7.62 -29.96 0.52
C MET A 163 -7.10 -28.53 0.41
N GLY A 164 -7.72 -27.74 -0.46
CA GLY A 164 -7.33 -26.35 -0.68
C GLY A 164 -7.56 -25.46 0.53
N CYS A 165 -8.77 -25.55 1.10
CA CYS A 165 -9.14 -24.77 2.27
C CYS A 165 -8.07 -24.93 3.33
N SER A 166 -7.80 -26.17 3.71
CA SER A 166 -6.76 -26.47 4.69
C SER A 166 -5.47 -25.73 4.38
N ALA A 167 -5.02 -25.85 3.13
CA ALA A 167 -3.77 -25.22 2.70
C ALA A 167 -3.82 -23.70 2.89
N LEU A 168 -5.01 -23.13 2.78
CA LEU A 168 -5.13 -21.70 2.96
C LEU A 168 -5.00 -21.40 4.47
N LYS A 169 -5.81 -22.10 5.26
CA LYS A 169 -5.82 -21.95 6.72
C LYS A 169 -4.42 -21.87 7.33
N ASP A 170 -3.48 -22.64 6.81
CA ASP A 170 -2.12 -22.66 7.34
C ASP A 170 -1.20 -21.62 6.68
N LEU A 171 -1.71 -20.91 5.67
CA LEU A 171 -0.91 -19.90 4.99
C LEU A 171 -1.12 -18.53 5.65
N ILE A 172 -2.33 -18.32 6.14
CA ILE A 172 -2.70 -17.08 6.81
C ILE A 172 -2.30 -17.14 8.29
N GLU A 173 -2.78 -18.16 8.99
CA GLU A 173 -2.52 -18.34 10.42
C GLU A 173 -1.05 -18.38 10.80
N LYS A 174 -0.21 -18.83 9.90
CA LYS A 174 1.23 -18.87 10.18
C LYS A 174 1.81 -17.56 9.67
N ASP A 175 0.93 -16.64 9.29
CA ASP A 175 1.35 -15.34 8.75
C ASP A 175 2.29 -15.58 7.58
N LYS A 176 1.86 -16.48 6.70
CA LYS A 176 2.62 -16.84 5.51
C LYS A 176 2.01 -16.22 4.24
N LEU A 177 0.78 -15.71 4.36
CA LEU A 177 0.11 -15.05 3.24
C LEU A 177 -0.39 -13.70 3.70
N ILE A 178 0.09 -12.63 3.09
CA ILE A 178 -0.36 -11.29 3.46
C ILE A 178 -1.48 -10.77 2.58
N ILE A 179 -2.65 -10.61 3.18
CA ILE A 179 -3.84 -10.11 2.52
C ILE A 179 -3.96 -8.61 2.78
N ASN A 180 -4.40 -7.86 1.78
CA ASN A 180 -4.51 -6.40 1.91
C ASN A 180 -5.86 -5.85 1.55
N HIS A 181 -6.65 -6.67 0.87
CA HIS A 181 -7.96 -6.30 0.37
C HIS A 181 -9.05 -6.40 1.42
N LYS A 182 -9.87 -5.36 1.50
CA LYS A 182 -10.99 -5.27 2.44
C LYS A 182 -12.03 -6.36 2.27
N GLY A 183 -12.56 -6.49 1.06
CA GLY A 183 -13.56 -7.52 0.80
C GLY A 183 -13.03 -8.88 1.19
N THR A 184 -11.87 -9.24 0.68
CA THR A 184 -11.31 -10.54 1.00
C THR A 184 -11.43 -10.76 2.51
N ILE A 185 -10.82 -9.88 3.30
CA ILE A 185 -10.85 -9.99 4.76
C ILE A 185 -12.25 -10.14 5.38
N GLN A 186 -13.23 -9.45 4.82
CA GLN A 186 -14.58 -9.55 5.32
C GLN A 186 -15.11 -10.94 5.08
N GLU A 187 -14.79 -11.53 3.92
CA GLU A 187 -15.25 -12.88 3.62
C GLU A 187 -14.51 -13.92 4.44
N LEU A 188 -13.31 -13.58 4.90
CA LEU A 188 -12.55 -14.48 5.74
C LEU A 188 -13.12 -14.40 7.16
N ARG A 189 -14.33 -13.87 7.25
CA ARG A 189 -15.02 -13.70 8.54
C ARG A 189 -16.45 -14.16 8.50
N THR A 190 -16.86 -14.68 7.35
CA THR A 190 -18.22 -15.18 7.18
C THR A 190 -18.15 -16.49 6.43
N PHE A 191 -16.93 -17.02 6.34
CA PHE A 191 -16.68 -18.28 5.64
C PHE A 191 -16.29 -19.34 6.66
N SER A 192 -17.18 -20.32 6.84
CA SER A 192 -16.97 -21.40 7.82
C SER A 192 -16.25 -22.64 7.30
N GLU A 193 -15.67 -23.38 8.25
CA GLU A 193 -14.93 -24.60 7.98
C GLU A 193 -15.74 -25.61 7.17
N LYS A 194 -17.06 -25.49 7.19
CA LYS A 194 -17.91 -26.41 6.44
C LYS A 194 -19.06 -25.69 5.76
N PHE A 204 -24.05 -12.86 1.89
CA PHE A 204 -22.91 -13.75 2.11
C PHE A 204 -22.27 -14.24 0.81
N HIS A 205 -20.96 -14.03 0.72
CA HIS A 205 -20.19 -14.44 -0.45
C HIS A 205 -18.88 -15.07 0.01
N ASP A 206 -18.23 -15.78 -0.91
CA ASP A 206 -16.97 -16.44 -0.60
C ASP A 206 -16.06 -16.52 -1.82
N ASP A 207 -16.42 -15.80 -2.88
CA ASP A 207 -15.64 -15.80 -4.11
C ASP A 207 -14.18 -15.41 -3.93
N LEU A 208 -13.94 -14.39 -3.11
CA LEU A 208 -12.58 -13.91 -2.86
C LEU A 208 -11.79 -14.95 -2.06
N VAL A 209 -12.49 -15.71 -1.22
CA VAL A 209 -11.87 -16.75 -0.40
C VAL A 209 -11.63 -17.98 -1.27
N MET A 210 -12.64 -18.32 -2.07
CA MET A 210 -12.56 -19.45 -2.99
C MET A 210 -11.34 -19.24 -3.90
N SER A 211 -11.21 -18.02 -4.37
CA SER A 211 -10.12 -17.63 -5.22
C SER A 211 -8.81 -17.98 -4.49
N LEU A 212 -8.72 -17.63 -3.22
CA LEU A 212 -7.51 -17.92 -2.43
C LEU A 212 -7.40 -19.42 -2.09
N VAL A 213 -8.48 -20.17 -2.29
CA VAL A 213 -8.42 -21.60 -2.05
C VAL A 213 -7.82 -22.28 -3.28
N ILE A 214 -8.10 -21.72 -4.46
CA ILE A 214 -7.53 -22.23 -5.71
C ILE A 214 -6.04 -22.13 -5.49
N PHE A 215 -5.64 -21.05 -4.83
CA PHE A 215 -4.25 -20.80 -4.55
C PHE A 215 -3.72 -21.82 -3.55
N GLY A 216 -4.58 -22.23 -2.62
CA GLY A 216 -4.17 -23.21 -1.65
C GLY A 216 -3.83 -24.48 -2.40
N TRP A 217 -4.84 -25.05 -3.04
CA TRP A 217 -4.70 -26.26 -3.83
C TRP A 217 -3.46 -26.20 -4.73
N LEU A 218 -3.18 -25.01 -5.25
CA LEU A 218 -2.02 -24.81 -6.13
C LEU A 218 -0.71 -24.92 -5.37
N THR A 219 -0.77 -24.81 -4.04
CA THR A 219 0.44 -24.91 -3.24
C THR A 219 0.70 -26.34 -2.78
N THR A 220 -0.32 -27.18 -2.82
CA THR A 220 -0.22 -28.59 -2.44
C THR A 220 0.37 -29.36 -3.62
N GLN A 221 0.52 -28.67 -4.74
CA GLN A 221 1.04 -29.26 -5.97
C GLN A 221 2.54 -29.15 -6.15
N GLU A 222 3.07 -30.03 -6.99
CA GLU A 222 4.50 -30.08 -7.28
C GLU A 222 4.95 -28.97 -8.25
N LYS A 223 4.20 -28.82 -9.34
CA LYS A 223 4.52 -27.82 -10.34
C LYS A 223 4.70 -26.42 -9.77
N PHE A 224 4.10 -26.15 -8.62
CA PHE A 224 4.21 -24.83 -8.00
C PHE A 224 5.66 -24.41 -7.74
N ALA A 225 6.54 -25.40 -7.69
CA ALA A 225 7.96 -25.15 -7.47
C ALA A 225 8.50 -24.05 -8.38
N GLU A 226 8.61 -24.36 -9.66
CA GLU A 226 9.13 -23.43 -10.67
C GLU A 226 8.61 -22.00 -10.60
N TYR A 227 7.30 -21.83 -10.77
CA TYR A 227 6.67 -20.51 -10.73
C TYR A 227 7.15 -19.71 -9.53
N ALA A 228 7.43 -20.39 -8.43
CA ALA A 228 7.87 -19.75 -7.19
C ALA A 228 9.32 -19.27 -7.22
N GLY A 229 9.63 -18.32 -6.35
CA GLY A 229 10.98 -17.78 -6.27
C GLY A 229 11.25 -16.69 -7.29
N LYS A 230 11.87 -15.60 -6.84
CA LYS A 230 12.20 -14.48 -7.71
C LYS A 230 13.02 -14.92 -8.94
N GLY B 27 13.93 22.94 -13.91
CA GLY B 27 14.53 21.60 -13.61
C GLY B 27 14.19 21.15 -12.21
N THR B 28 13.33 20.13 -12.11
CA THR B 28 12.91 19.62 -10.81
C THR B 28 14.07 19.31 -9.84
N LEU B 29 13.79 19.47 -8.55
CA LEU B 29 14.74 19.23 -7.48
C LEU B 29 15.15 17.76 -7.49
N ILE B 30 14.27 16.97 -8.09
CA ILE B 30 14.47 15.52 -8.16
C ILE B 30 14.70 15.16 -9.63
N ARG B 31 15.84 14.53 -9.91
CA ARG B 31 16.17 14.15 -11.28
C ARG B 31 14.99 13.39 -11.91
N ALA B 32 14.60 13.83 -13.10
CA ALA B 32 13.49 13.24 -13.84
C ALA B 32 13.63 11.72 -14.00
N THR B 33 14.85 11.23 -14.07
CA THR B 33 15.07 9.80 -14.22
C THR B 33 14.60 9.07 -12.96
N THR B 34 14.19 9.82 -11.94
CA THR B 34 13.71 9.23 -10.70
C THR B 34 12.25 9.56 -10.41
N LEU B 35 11.74 10.64 -11.00
CA LEU B 35 10.35 11.00 -10.81
C LEU B 35 9.41 10.03 -11.56
N SER B 36 9.78 9.74 -12.81
CA SER B 36 9.00 8.85 -13.66
C SER B 36 8.82 7.45 -13.05
N ARG B 37 9.79 7.00 -12.27
CA ARG B 37 9.72 5.68 -11.66
C ARG B 37 8.95 5.64 -10.34
N LEU B 38 8.41 6.78 -9.93
CA LEU B 38 7.64 6.86 -8.69
C LEU B 38 6.18 6.51 -8.97
N SER B 39 5.62 5.62 -8.16
CA SER B 39 4.21 5.23 -8.30
C SER B 39 3.49 5.32 -6.95
N PHE B 40 2.18 5.55 -7.01
CA PHE B 40 1.39 5.67 -5.80
C PHE B 40 0.37 4.56 -5.65
N ILE B 41 0.00 4.31 -4.39
CA ILE B 41 -1.03 3.35 -4.05
C ILE B 41 -2.22 4.26 -3.82
N ASP B 42 -3.15 4.22 -4.76
CA ASP B 42 -4.36 5.02 -4.76
C ASP B 42 -5.34 4.63 -3.65
N VAL B 43 -5.10 5.12 -2.44
CA VAL B 43 -5.98 4.80 -1.31
C VAL B 43 -7.09 5.82 -1.14
N VAL B 44 -8.20 5.45 -0.51
CA VAL B 44 -9.30 6.40 -0.35
C VAL B 44 -8.98 7.44 0.70
N ASN B 45 -9.46 8.65 0.45
CA ASN B 45 -9.26 9.76 1.38
C ASN B 45 -10.28 9.73 2.50
N ASP B 46 -9.87 9.27 3.68
CA ASP B 46 -10.78 9.19 4.82
C ASP B 46 -10.75 10.47 5.65
N ASN B 47 -11.30 11.54 5.09
CA ASN B 47 -11.35 12.85 5.75
C ASN B 47 -9.98 13.48 5.85
N GLY B 48 -9.30 13.54 4.71
CA GLY B 48 -7.98 14.13 4.67
C GLY B 48 -6.93 13.23 5.25
N PHE B 49 -7.30 11.99 5.55
CA PHE B 49 -6.37 11.04 6.12
C PHE B 49 -6.13 9.86 5.19
N TYR B 50 -4.90 9.75 4.70
CA TYR B 50 -4.53 8.65 3.82
C TYR B 50 -3.61 7.71 4.59
N GLN B 51 -3.95 6.44 4.63
CA GLN B 51 -3.16 5.45 5.35
C GLN B 51 -2.73 4.30 4.44
N PHE B 52 -1.43 4.23 4.17
CA PHE B 52 -0.85 3.21 3.32
C PHE B 52 -0.38 2.03 4.12
N GLU B 53 -0.01 2.30 5.37
CA GLU B 53 0.46 1.26 6.28
C GLU B 53 -0.05 1.54 7.68
N LYS B 54 -0.70 0.54 8.27
CA LYS B 54 -1.24 0.62 9.62
C LYS B 54 -0.12 0.52 10.63
N PRO B 55 -0.34 1.04 11.85
CA PRO B 55 0.70 0.97 12.87
C PRO B 55 0.92 -0.45 13.39
N LYS B 56 2.17 -0.75 13.72
CA LYS B 56 2.56 -2.07 14.21
C LYS B 56 3.61 -1.92 15.32
N GLU B 57 3.38 -2.58 16.45
CA GLU B 57 4.32 -2.49 17.56
C GLU B 57 5.70 -2.95 17.14
N GLY B 58 6.72 -2.19 17.53
CA GLY B 58 8.08 -2.55 17.18
C GLY B 58 8.71 -1.64 16.14
N ARG B 59 7.88 -0.84 15.48
CA ARG B 59 8.36 0.07 14.46
C ARG B 59 8.42 1.49 14.98
N LYS B 60 9.48 2.22 14.62
CA LYS B 60 9.63 3.60 15.05
C LYS B 60 9.22 4.55 13.91
N TYR B 61 8.30 5.46 14.21
CA TYR B 61 7.81 6.42 13.22
C TYR B 61 8.27 7.84 13.55
N VAL B 62 7.92 8.78 12.70
CA VAL B 62 8.25 10.19 12.89
C VAL B 62 7.25 10.93 12.01
N ALA B 63 6.84 12.12 12.44
CA ALA B 63 5.86 12.90 11.69
C ALA B 63 6.27 14.35 11.54
N THR B 64 6.04 14.90 10.37
CA THR B 64 6.36 16.30 10.13
C THR B 64 5.09 17.01 9.72
N LEU B 65 4.98 18.26 10.10
CA LEU B 65 3.79 19.03 9.80
C LEU B 65 4.04 20.38 9.19
N ASP B 66 3.30 20.66 8.13
CA ASP B 66 3.39 21.92 7.42
C ASP B 66 1.99 22.50 7.58
N CYS B 67 1.84 23.50 8.44
CA CYS B 67 0.54 24.08 8.69
C CYS B 67 0.18 25.16 7.67
N SER B 68 -1.07 25.15 7.23
CA SER B 68 -1.51 26.15 6.27
C SER B 68 -1.40 27.52 6.94
N GLU B 69 -0.78 28.47 6.26
CA GLU B 69 -0.62 29.81 6.81
C GLU B 69 -1.91 30.61 6.69
N ASP B 74 -2.99 26.42 0.01
CA ASP B 74 -2.50 26.32 1.39
C ASP B 74 -3.16 25.17 2.13
N TYR B 75 -2.50 24.02 2.12
CA TYR B 75 -2.97 22.80 2.77
C TYR B 75 -2.15 22.47 4.02
N HIS B 76 -2.75 21.73 4.95
CA HIS B 76 -2.05 21.27 6.14
C HIS B 76 -1.41 19.99 5.63
N ALA B 77 -0.22 19.65 6.09
CA ALA B 77 0.41 18.45 5.60
C ALA B 77 1.16 17.70 6.69
N LEU B 78 0.58 16.58 7.14
CA LEU B 78 1.23 15.79 8.17
C LEU B 78 1.78 14.54 7.52
N GLN B 79 3.09 14.42 7.51
CA GLN B 79 3.73 13.25 6.92
C GLN B 79 4.11 12.29 8.02
N ILE B 80 3.72 11.04 7.89
CA ILE B 80 4.12 10.08 8.88
C ILE B 80 5.01 9.04 8.20
N ILE B 81 6.24 8.96 8.70
CA ILE B 81 7.24 8.08 8.14
C ILE B 81 7.72 6.96 9.05
N ASP B 82 8.00 5.80 8.47
CA ASP B 82 8.51 4.67 9.23
C ASP B 82 10.04 4.73 9.09
N ILE B 83 10.71 5.06 10.18
CA ILE B 83 12.16 5.18 10.17
C ILE B 83 12.93 3.99 10.78
N THR B 84 12.21 2.91 11.13
CA THR B 84 12.82 1.73 11.72
C THR B 84 14.15 1.32 11.07
N GLU B 85 14.17 1.30 9.73
CA GLU B 85 15.37 0.93 9.00
C GLU B 85 15.15 1.21 7.54
N PHE B 86 16.21 1.56 6.83
CA PHE B 86 16.13 1.83 5.41
C PHE B 86 15.60 0.62 4.66
N PRO B 87 14.71 0.84 3.67
CA PRO B 87 14.28 2.20 3.33
C PRO B 87 13.08 2.66 4.18
N TYR B 88 13.02 3.97 4.40
CA TYR B 88 11.94 4.57 5.18
C TYR B 88 10.69 4.59 4.32
N LYS B 89 9.54 4.46 4.98
CA LYS B 89 8.27 4.42 4.29
C LYS B 89 7.24 5.45 4.76
N GLN B 90 6.69 6.17 3.80
CA GLN B 90 5.64 7.14 4.06
C GLN B 90 4.46 6.19 4.30
N VAL B 91 4.00 6.09 5.54
CA VAL B 91 2.92 5.16 5.87
C VAL B 91 1.56 5.81 6.03
N ALA B 92 1.56 7.11 6.25
CA ALA B 92 0.32 7.82 6.43
C ALA B 92 0.53 9.26 6.05
N VAL B 93 -0.56 9.92 5.70
CA VAL B 93 -0.52 11.32 5.35
C VAL B 93 -1.84 11.94 5.73
N TYR B 94 -1.78 13.18 6.18
CA TYR B 94 -2.98 13.92 6.50
C TYR B 94 -2.87 15.16 5.62
N HIS B 95 -3.85 15.36 4.75
CA HIS B 95 -3.85 16.48 3.81
C HIS B 95 -5.21 17.16 3.80
N SER B 96 -5.26 18.46 4.06
CA SER B 96 -6.54 19.18 4.07
C SER B 96 -6.41 20.69 4.02
N ASN B 97 -7.44 21.34 3.51
CA ASN B 97 -7.47 22.80 3.42
C ASN B 97 -8.84 23.21 3.97
N THR B 98 -9.59 22.20 4.38
CA THR B 98 -10.93 22.39 4.90
C THR B 98 -11.03 21.91 6.36
N THR B 99 -9.94 22.06 7.11
CA THR B 99 -9.93 21.65 8.51
C THR B 99 -9.67 22.88 9.36
N SER B 100 -10.53 23.08 10.35
CA SER B 100 -10.42 24.23 11.23
C SER B 100 -9.12 24.28 12.02
N HIS B 101 -8.38 25.38 11.85
CA HIS B 101 -7.12 25.60 12.52
C HIS B 101 -7.24 25.31 14.03
N PHE B 102 -8.42 25.56 14.58
CA PHE B 102 -8.65 25.34 16.00
C PHE B 102 -8.94 23.90 16.39
N ILE B 103 -9.18 23.05 15.40
CA ILE B 103 -9.44 21.64 15.65
C ILE B 103 -8.28 20.74 15.20
N LEU B 104 -7.32 21.32 14.49
CA LEU B 104 -6.16 20.58 13.98
C LEU B 104 -5.35 19.83 15.04
N PRO B 105 -4.99 20.51 16.15
CA PRO B 105 -4.21 19.84 17.20
C PRO B 105 -4.76 18.48 17.68
N ASP B 106 -6.08 18.32 17.66
CA ASP B 106 -6.68 17.06 18.09
C ASP B 106 -6.50 16.03 16.97
N ILE B 107 -6.65 16.50 15.74
CA ILE B 107 -6.49 15.65 14.58
C ILE B 107 -5.09 15.04 14.71
N VAL B 108 -4.09 15.91 14.66
CA VAL B 108 -2.71 15.48 14.78
C VAL B 108 -2.54 14.58 16.01
N PHE B 109 -2.99 15.06 17.16
CA PHE B 109 -2.88 14.27 18.39
C PHE B 109 -3.34 12.84 18.15
N LYS B 110 -4.48 12.69 17.47
CA LYS B 110 -5.06 11.39 17.18
C LYS B 110 -4.11 10.46 16.40
N TYR B 111 -3.60 10.97 15.29
CA TYR B 111 -2.72 10.18 14.44
C TYR B 111 -1.35 9.89 15.02
N LEU B 112 -0.79 10.85 15.73
CA LEU B 112 0.52 10.63 16.35
C LEU B 112 0.38 9.55 17.41
N MET B 113 -0.66 9.63 18.22
CA MET B 113 -0.88 8.62 19.24
C MET B 113 -0.97 7.27 18.51
N MET B 114 -1.83 7.21 17.50
CA MET B 114 -2.05 6.02 16.69
C MET B 114 -0.75 5.30 16.32
N TYR B 115 0.21 6.02 15.75
CA TYR B 115 1.47 5.44 15.33
C TYR B 115 2.54 5.35 16.43
N ASN B 116 2.18 4.68 17.53
CA ASN B 116 3.05 4.49 18.69
C ASN B 116 3.51 5.81 19.30
N GLU B 117 2.56 6.72 19.55
CA GLU B 117 2.90 8.01 20.14
C GLU B 117 4.19 8.50 19.50
N CYS B 118 4.22 8.50 18.18
CA CYS B 118 5.44 8.89 17.47
C CYS B 118 5.73 10.37 17.62
N PRO B 119 7.01 10.75 17.60
CA PRO B 119 7.36 12.16 17.73
C PRO B 119 6.94 12.97 16.49
N VAL B 120 6.77 14.28 16.66
CA VAL B 120 6.38 15.15 15.55
C VAL B 120 7.28 16.37 15.45
N TYR B 121 7.45 16.89 14.24
CA TYR B 121 8.30 18.04 13.99
C TYR B 121 7.51 19.11 13.19
N ILE B 122 7.03 20.12 13.90
CA ILE B 122 6.23 21.17 13.30
C ILE B 122 7.01 22.37 12.74
N GLU B 123 6.67 22.79 11.52
CA GLU B 123 7.32 23.93 10.91
C GLU B 123 6.77 25.09 11.70
N LEU B 124 7.65 25.83 12.37
CA LEU B 124 7.22 26.94 13.21
C LEU B 124 6.89 28.26 12.51
N ASN B 125 5.87 28.25 11.67
CA ASN B 125 5.48 29.49 11.02
C ASN B 125 4.37 30.15 11.83
N SER B 126 3.74 31.17 11.26
CA SER B 126 2.67 31.90 11.94
C SER B 126 1.68 30.96 12.63
N THR B 127 1.12 30.02 11.88
CA THR B 127 0.14 29.07 12.41
C THR B 127 0.82 27.96 13.22
N GLY B 128 1.90 27.41 12.68
CA GLY B 128 2.62 26.35 13.35
C GLY B 128 2.80 26.58 14.83
N VAL B 129 3.49 27.66 15.18
CA VAL B 129 3.78 28.00 16.57
C VAL B 129 2.58 27.86 17.50
N SER B 130 1.39 28.15 16.99
CA SER B 130 0.19 28.05 17.81
C SER B 130 -0.19 26.57 17.93
N ILE B 131 0.05 25.81 16.87
CA ILE B 131 -0.26 24.39 16.86
C ILE B 131 0.69 23.71 17.83
N ALA B 132 1.98 23.92 17.63
CA ALA B 132 2.98 23.33 18.48
C ALA B 132 2.71 23.64 19.96
N LYS B 133 2.02 24.74 20.21
CA LYS B 133 1.71 25.14 21.58
C LYS B 133 0.56 24.29 22.12
N SER B 134 -0.59 24.36 21.44
CA SER B 134 -1.77 23.60 21.84
C SER B 134 -1.41 22.14 22.08
N LEU B 135 -0.62 21.58 21.18
CA LEU B 135 -0.22 20.19 21.28
C LEU B 135 0.48 19.92 22.61
N ALA B 136 1.30 20.87 23.07
CA ALA B 136 2.04 20.71 24.32
C ALA B 136 1.31 21.25 25.56
N MET B 137 0.56 22.33 25.40
CA MET B 137 -0.19 22.87 26.53
C MET B 137 -1.55 22.19 26.58
N ASP B 138 -2.47 22.64 25.72
CA ASP B 138 -3.82 22.09 25.64
C ASP B 138 -3.92 20.57 25.70
N LEU B 139 -3.21 19.88 24.82
CA LEU B 139 -3.29 18.41 24.75
C LEU B 139 -2.22 17.66 25.55
N GLU B 140 -1.35 18.40 26.22
CA GLU B 140 -0.30 17.81 27.04
C GLU B 140 0.51 16.67 26.41
N TYR B 141 0.73 16.75 25.11
CA TYR B 141 1.53 15.75 24.38
C TYR B 141 3.01 16.08 24.62
N ASP B 142 3.81 15.10 25.02
CA ASP B 142 5.22 15.37 25.31
C ASP B 142 6.22 14.99 24.24
N ASN B 143 5.82 14.13 23.31
CA ASN B 143 6.74 13.72 22.27
C ASN B 143 6.83 14.68 21.08
N ILE B 144 7.17 15.93 21.35
CA ILE B 144 7.33 16.98 20.34
C ILE B 144 8.82 17.16 20.10
N ILE B 145 9.23 17.41 18.87
CA ILE B 145 10.64 17.61 18.58
C ILE B 145 10.87 19.11 18.44
N CYS B 146 11.71 19.68 19.31
CA CYS B 146 11.95 21.11 19.26
C CYS B 146 13.39 21.46 18.95
N ASP B 147 13.60 22.72 18.59
CA ASP B 147 14.93 23.19 18.29
C ASP B 147 15.50 23.78 19.59
N SER B 148 14.65 24.48 20.33
CA SER B 148 15.01 25.10 21.59
C SER B 148 13.81 25.08 22.54
N PHE B 149 14.02 25.47 23.78
CA PHE B 149 12.93 25.48 24.76
C PHE B 149 11.91 26.53 24.33
N ILE B 150 12.33 27.43 23.45
CA ILE B 150 11.48 28.51 22.96
C ILE B 150 10.81 28.21 21.62
N ASP B 151 11.57 27.58 20.72
CA ASP B 151 11.08 27.21 19.39
C ASP B 151 10.62 25.75 19.49
N LEU B 152 9.30 25.55 19.52
CA LEU B 152 8.71 24.21 19.64
C LEU B 152 8.56 23.51 18.28
N GLY B 153 9.69 23.18 17.68
CA GLY B 153 9.68 22.52 16.40
C GLY B 153 10.85 23.02 15.57
N MET B 154 10.67 23.07 14.26
CA MET B 154 11.71 23.55 13.35
C MET B 154 11.49 25.04 13.10
N LYS B 155 12.40 25.87 13.61
CA LYS B 155 12.32 27.33 13.45
C LYS B 155 12.54 27.75 11.98
N GLN B 156 11.65 28.59 11.47
CA GLN B 156 11.73 29.04 10.08
C GLN B 156 12.97 29.86 9.76
N SER B 157 13.85 29.28 8.97
CA SER B 157 15.07 29.96 8.56
C SER B 157 15.29 29.69 7.08
N LYS B 158 16.55 29.54 6.68
CA LYS B 158 16.86 29.27 5.28
C LYS B 158 17.99 28.26 5.10
N ARG B 159 18.62 27.86 6.18
CA ARG B 159 19.68 26.87 6.08
C ARG B 159 19.05 25.48 6.28
N SER B 160 17.81 25.49 6.78
CA SER B 160 17.05 24.27 7.03
C SER B 160 16.50 23.69 5.72
N LYS B 161 15.94 24.56 4.88
CA LYS B 161 15.42 24.15 3.58
C LYS B 161 16.62 23.86 2.69
N ALA B 162 17.66 24.67 2.86
CA ALA B 162 18.90 24.51 2.11
C ALA B 162 19.29 23.04 2.13
N MET B 163 19.70 22.55 3.30
CA MET B 163 20.09 21.15 3.44
C MET B 163 18.86 20.25 3.51
N GLY B 164 17.69 20.85 3.73
CA GLY B 164 16.45 20.10 3.80
C GLY B 164 16.12 19.50 2.44
N CYS B 165 16.09 20.35 1.42
CA CYS B 165 15.83 19.91 0.05
C CYS B 165 16.98 19.01 -0.42
N SER B 166 18.22 19.41 -0.15
CA SER B 166 19.37 18.61 -0.54
C SER B 166 19.31 17.20 0.05
N ALA B 167 18.99 17.14 1.34
CA ALA B 167 18.91 15.87 2.06
C ALA B 167 17.77 15.02 1.55
N LEU B 168 16.68 15.68 1.16
CA LEU B 168 15.50 15.00 0.65
C LEU B 168 15.77 14.40 -0.72
N LYS B 169 16.35 15.21 -1.60
CA LYS B 169 16.71 14.79 -2.95
C LYS B 169 17.55 13.53 -2.90
N ASP B 170 18.43 13.45 -1.91
CA ASP B 170 19.31 12.31 -1.75
C ASP B 170 18.55 11.05 -1.33
N LEU B 171 17.63 11.20 -0.38
CA LEU B 171 16.84 10.08 0.12
C LEU B 171 15.95 9.46 -0.97
N ILE B 172 15.25 10.31 -1.70
CA ILE B 172 14.35 9.89 -2.76
C ILE B 172 15.12 9.30 -3.95
N GLU B 173 16.12 10.03 -4.43
CA GLU B 173 16.92 9.58 -5.57
C GLU B 173 17.80 8.35 -5.30
N LYS B 174 17.87 7.93 -4.04
CA LYS B 174 18.67 6.76 -3.70
C LYS B 174 17.77 5.60 -3.28
N ASP B 175 16.46 5.80 -3.42
CA ASP B 175 15.48 4.80 -3.05
C ASP B 175 15.56 4.47 -1.57
N LYS B 176 15.87 5.47 -0.75
CA LYS B 176 15.97 5.28 0.69
C LYS B 176 14.70 5.77 1.38
N LEU B 177 13.82 6.36 0.58
CA LEU B 177 12.54 6.86 1.05
C LEU B 177 11.46 6.49 0.04
N ILE B 178 10.54 5.65 0.45
CA ILE B 178 9.45 5.21 -0.43
C ILE B 178 8.18 6.06 -0.25
N ILE B 179 7.79 6.74 -1.31
CA ILE B 179 6.60 7.59 -1.30
C ILE B 179 5.41 6.84 -1.91
N ASN B 180 4.30 6.78 -1.17
CA ASN B 180 3.11 6.07 -1.62
C ASN B 180 1.94 7.00 -1.91
N HIS B 181 1.89 8.13 -1.21
CA HIS B 181 0.80 9.07 -1.38
C HIS B 181 0.80 9.67 -2.79
N LYS B 182 -0.36 9.67 -3.43
CA LYS B 182 -0.50 10.21 -4.78
C LYS B 182 -0.29 11.71 -4.84
N GLY B 183 -0.97 12.44 -3.96
CA GLY B 183 -0.83 13.89 -3.95
C GLY B 183 0.61 14.35 -3.84
N THR B 184 1.37 13.71 -2.97
CA THR B 184 2.77 14.06 -2.78
C THR B 184 3.57 13.85 -4.06
N ILE B 185 3.25 12.80 -4.79
CA ILE B 185 3.97 12.49 -6.01
C ILE B 185 3.67 13.49 -7.10
N GLN B 186 2.50 14.11 -7.06
CA GLN B 186 2.15 15.11 -8.05
C GLN B 186 2.90 16.39 -7.73
N GLU B 187 2.97 16.73 -6.44
CA GLU B 187 3.69 17.93 -6.01
C GLU B 187 5.18 17.77 -6.22
N LEU B 188 5.70 16.57 -5.98
CA LEU B 188 7.11 16.34 -6.21
C LEU B 188 7.40 16.65 -7.67
N ARG B 189 6.65 16.00 -8.56
CA ARG B 189 6.79 16.15 -10.00
C ARG B 189 6.76 17.56 -10.56
N THR B 190 6.37 18.54 -9.75
CA THR B 190 6.37 19.93 -10.23
C THR B 190 6.97 20.84 -9.18
N PHE B 191 7.90 20.31 -8.40
CA PHE B 191 8.56 21.08 -7.35
C PHE B 191 9.90 21.55 -7.88
N SER B 192 9.99 22.86 -8.08
CA SER B 192 11.19 23.51 -8.60
C SER B 192 12.32 23.62 -7.57
N GLU B 193 13.53 23.28 -8.00
CA GLU B 193 14.70 23.35 -7.13
C GLU B 193 15.01 24.77 -6.65
N LYS B 194 14.12 25.71 -6.97
CA LYS B 194 14.32 27.09 -6.57
C LYS B 194 12.96 27.74 -6.38
N PHE B 204 -0.85 24.53 -8.33
CA PHE B 204 0.53 24.26 -7.94
C PHE B 204 0.78 24.46 -6.45
N HIS B 205 0.75 23.38 -5.69
CA HIS B 205 0.97 23.45 -4.25
C HIS B 205 2.21 22.66 -3.89
N ASP B 206 2.84 23.04 -2.79
CA ASP B 206 4.06 22.36 -2.35
C ASP B 206 4.06 21.92 -0.88
N ASP B 207 2.90 21.98 -0.24
CA ASP B 207 2.76 21.60 1.17
C ASP B 207 3.25 20.20 1.55
N LEU B 208 2.75 19.18 0.84
CA LEU B 208 3.14 17.80 1.10
C LEU B 208 4.65 17.62 0.96
N VAL B 209 5.24 18.38 0.03
CA VAL B 209 6.67 18.35 -0.24
C VAL B 209 7.47 19.11 0.81
N MET B 210 7.00 20.28 1.21
CA MET B 210 7.71 21.04 2.21
C MET B 210 7.78 20.18 3.46
N SER B 211 6.79 19.33 3.62
CA SER B 211 6.70 18.45 4.77
C SER B 211 7.82 17.41 4.73
N LEU B 212 8.13 16.91 3.54
CA LEU B 212 9.20 15.93 3.41
C LEU B 212 10.55 16.65 3.53
N VAL B 213 10.56 17.96 3.36
CA VAL B 213 11.80 18.70 3.50
C VAL B 213 12.07 18.89 4.98
N ILE B 214 11.02 19.13 5.75
CA ILE B 214 11.17 19.27 7.20
C ILE B 214 11.75 17.92 7.59
N PHE B 215 11.20 16.85 7.04
CA PHE B 215 11.72 15.54 7.34
C PHE B 215 13.18 15.44 6.92
N GLY B 216 13.52 16.07 5.79
CA GLY B 216 14.89 16.02 5.32
C GLY B 216 15.83 16.67 6.31
N TRP B 217 15.47 17.87 6.74
CA TRP B 217 16.27 18.61 7.69
C TRP B 217 16.46 17.80 8.98
N LEU B 218 15.47 16.99 9.32
CA LEU B 218 15.54 16.18 10.54
C LEU B 218 16.46 14.96 10.40
N THR B 219 16.58 14.41 9.21
CA THR B 219 17.43 13.23 9.01
C THR B 219 18.92 13.49 9.22
N THR B 220 19.31 14.76 9.08
CA THR B 220 20.71 15.13 9.22
C THR B 220 21.05 15.49 10.66
N GLN B 221 20.08 15.99 11.39
CA GLN B 221 20.31 16.37 12.77
C GLN B 221 20.86 15.20 13.58
N GLU B 222 21.65 15.52 14.60
CA GLU B 222 22.26 14.51 15.45
C GLU B 222 21.21 13.80 16.31
N LYS B 223 20.17 14.53 16.72
CA LYS B 223 19.13 13.95 17.54
C LYS B 223 18.34 12.87 16.81
N PHE B 224 18.31 12.93 15.48
CA PHE B 224 17.58 11.91 14.72
C PHE B 224 18.17 10.53 15.03
N ALA B 225 19.39 10.54 15.55
CA ALA B 225 20.07 9.30 15.91
C ALA B 225 19.26 8.59 16.99
N GLU B 226 18.53 9.37 17.79
CA GLU B 226 17.72 8.81 18.86
C GLU B 226 16.40 8.25 18.36
N TYR B 227 15.52 9.14 17.91
CA TYR B 227 14.20 8.77 17.38
C TYR B 227 14.30 7.63 16.39
N ALA B 228 15.40 7.60 15.65
CA ALA B 228 15.64 6.55 14.66
C ALA B 228 16.20 5.33 15.39
N GLY B 229 16.12 4.18 14.73
CA GLY B 229 16.62 2.96 15.34
C GLY B 229 15.55 1.89 15.30
MG MG C . -18.11 -17.49 -7.73
MG MG D . 3.28 25.68 2.73
#